data_6IZM
#
_entry.id   6IZM
#
_cell.length_a   39.012
_cell.length_b   54.266
_cell.length_c   66.727
_cell.angle_alpha   90.00
_cell.angle_beta   92.51
_cell.angle_gamma   90.00
#
_symmetry.space_group_name_H-M   'P 1 21 1'
#
loop_
_entity.id
_entity.type
_entity.pdbx_description
1 polymer 'Peroxisome proliferator-activated receptor gamma'
2 polymer 'Peptide from Peroxisome proliferator-activated receptor gamma coactivator 1-alpha'
3 non-polymer '3-[[6-(2,6-dimethylpyridin-3-yl)oxy-1-methyl-benzimidazol-2-yl]methoxy]benzoic acid'
4 water water
#
loop_
_entity_poly.entity_id
_entity_poly.type
_entity_poly.pdbx_seq_one_letter_code
_entity_poly.pdbx_strand_id
1 'polypeptide(L)'
;MRGSHHHHHHGPESADLRALAKHLYDSYIKSFPLTKAKARAILTGKTTDKSPFVIYDMNSLMMGEDKIKFKHITPLQEQS
KEVAIRIFQGCQFRSVEAVQEITEYAKSIPGFVNLDLNDQVTLLKYGVHEIIYTMLASLMNKDGVLISEGQGFMTREFLK
SLRKPFGDFMEPKFEFAVKFNALELDDSDLAIFIAVIILSGDRPGLLNVKPIEDIQDNLLQALELQLKLNHPESSQLFAK
LLQKMTDLRQIVTEHVQLLQVIKKTETDMSLHPLLQEIYKDLY
;
A
2 'polypeptide(L)' QEAEEPSLLKKLLLAPANT C
#
loop_
_chem_comp.id
_chem_comp.type
_chem_comp.name
_chem_comp.formula
B0X non-polymer '3-[[6-(2,6-dimethylpyridin-3-yl)oxy-1-methyl-benzimidazol-2-yl]methoxy]benzoic acid' 'C23 H21 N3 O4'
#
# COMPACT_ATOMS: atom_id res chain seq x y z
N GLU A 13 1.93 -6.08 -29.60
CA GLU A 13 2.34 -4.74 -30.09
C GLU A 13 2.81 -3.87 -28.93
N SER A 14 3.93 -3.20 -29.14
CA SER A 14 4.49 -2.31 -28.15
C SER A 14 3.56 -1.12 -27.94
N ALA A 15 2.87 -0.70 -29.01
CA ALA A 15 1.96 0.43 -28.91
C ALA A 15 0.86 0.08 -27.91
N ASP A 16 0.27 -1.10 -28.06
CA ASP A 16 -0.79 -1.53 -27.17
C ASP A 16 -0.30 -1.63 -25.72
N LEU A 17 0.98 -1.97 -25.53
CA LEU A 17 1.52 -2.04 -24.18
C LEU A 17 1.69 -0.66 -23.55
N ARG A 18 1.97 0.35 -24.38
CA ARG A 18 2.04 1.72 -23.87
C ARG A 18 0.63 2.22 -23.56
N ALA A 19 -0.34 1.81 -24.37
CA ALA A 19 -1.72 2.23 -24.15
C ALA A 19 -2.22 1.62 -22.83
N LEU A 20 -1.83 0.37 -22.59
CA LEU A 20 -2.17 -0.30 -21.33
C LEU A 20 -1.51 0.40 -20.16
N ALA A 21 -0.23 0.74 -20.31
CA ALA A 21 0.50 1.46 -19.26
C ALA A 21 -0.23 2.74 -18.91
N LYS A 22 -0.68 3.46 -19.94
CA LYS A 22 -1.34 4.74 -19.73
C LYS A 22 -2.71 4.54 -19.07
N HIS A 23 -3.42 3.50 -19.49
CA HIS A 23 -4.72 3.18 -18.89
C HIS A 23 -4.56 2.94 -17.38
N LEU A 24 -3.54 2.17 -17.02
CA LEU A 24 -3.31 1.84 -15.64
C LEU A 24 -2.93 3.09 -14.84
N TYR A 25 -2.07 3.94 -15.41
CA TYR A 25 -1.71 5.17 -14.73
C TYR A 25 -2.95 6.05 -14.51
N ASP A 26 -3.76 6.20 -15.55
CA ASP A 26 -4.94 7.05 -15.41
C ASP A 26 -5.91 6.50 -14.36
N SER A 27 -6.08 5.18 -14.34
CA SER A 27 -6.91 4.51 -13.32
C SER A 27 -6.31 4.67 -11.93
N TYR A 28 -4.98 4.64 -11.87
CA TYR A 28 -4.24 4.79 -10.63
C TYR A 28 -4.46 6.20 -10.05
N ILE A 29 -4.39 7.21 -10.91
CA ILE A 29 -4.68 8.57 -10.50
C ILE A 29 -6.12 8.70 -9.98
N LYS A 30 -7.05 8.04 -10.65
CA LYS A 30 -8.46 8.06 -10.24
C LYS A 30 -8.65 7.41 -8.87
N SER A 31 -7.91 6.33 -8.61
CA SER A 31 -8.18 5.46 -7.47
C SER A 31 -7.50 5.92 -6.18
N PHE A 32 -6.36 6.58 -6.32
CA PHE A 32 -5.55 6.91 -5.16
C PHE A 32 -5.39 8.40 -4.99
N PRO A 33 -5.97 8.96 -3.91
CA PRO A 33 -6.01 10.41 -3.73
C PRO A 33 -4.63 11.07 -3.68
N LEU A 34 -3.70 10.49 -2.93
CA LEU A 34 -2.36 11.06 -2.81
C LEU A 34 -1.34 10.22 -3.56
N THR A 35 -0.89 10.75 -4.69
CA THR A 35 0.10 10.09 -5.54
C THR A 35 1.50 10.30 -4.98
N LYS A 36 2.48 9.59 -5.53
CA LYS A 36 3.86 9.78 -5.11
C LYS A 36 4.34 11.17 -5.52
N ALA A 37 3.95 11.60 -6.72
CA ALA A 37 4.36 12.90 -7.23
C ALA A 37 3.97 13.99 -6.24
N LYS A 38 2.71 13.99 -5.84
CA LYS A 38 2.19 14.98 -4.90
C LYS A 38 2.81 14.80 -3.51
N ALA A 39 2.99 13.54 -3.12
CA ALA A 39 3.60 13.24 -1.82
C ALA A 39 5.04 13.74 -1.76
N ARG A 40 5.78 13.58 -2.86
CA ARG A 40 7.16 14.06 -2.92
C ARG A 40 7.19 15.59 -2.89
N ALA A 41 6.23 16.21 -3.56
CA ALA A 41 6.16 17.67 -3.57
C ALA A 41 5.94 18.20 -2.16
N ILE A 42 5.15 17.47 -1.38
CA ILE A 42 4.91 17.84 0.02
C ILE A 42 6.15 17.62 0.86
N LEU A 43 6.74 16.43 0.76
CA LEU A 43 7.90 16.07 1.57
C LEU A 43 9.11 16.96 1.30
N THR A 44 9.13 17.61 0.13
CA THR A 44 10.26 18.46 -0.23
C THR A 44 9.90 19.94 -0.17
N GLY A 45 8.62 20.23 0.06
CA GLY A 45 8.19 21.60 0.30
C GLY A 45 7.98 22.42 -0.97
N LYS A 46 7.89 21.74 -2.10
CA LYS A 46 7.75 22.41 -3.38
C LYS A 46 6.32 22.91 -3.60
N THR A 47 5.39 22.36 -2.82
CA THR A 47 3.98 22.63 -3.04
C THR A 47 3.58 24.01 -2.52
N THR A 48 2.46 24.52 -3.02
CA THR A 48 1.88 25.77 -2.54
C THR A 48 1.02 25.51 -1.31
N ASP A 49 0.66 24.25 -1.10
CA ASP A 49 -0.27 23.87 -0.05
C ASP A 49 0.33 24.10 1.33
N LYS A 50 -0.54 24.19 2.34
CA LYS A 50 -0.10 24.43 3.70
C LYS A 50 0.71 23.24 4.22
N SER A 51 1.75 23.54 4.99
CA SER A 51 2.65 22.50 5.48
C SER A 51 1.91 21.52 6.38
N PRO A 52 2.29 20.23 6.29
CA PRO A 52 1.75 19.20 7.18
C PRO A 52 2.08 19.54 8.64
N PHE A 53 1.16 19.24 9.54
CA PHE A 53 1.45 19.39 10.96
C PHE A 53 2.34 18.25 11.40
N VAL A 54 3.44 18.58 12.07
CA VAL A 54 4.45 17.59 12.40
C VAL A 54 4.23 16.99 13.79
N ILE A 55 4.03 15.68 13.83
CA ILE A 55 3.90 14.96 15.09
C ILE A 55 5.22 14.27 15.41
N TYR A 56 5.91 14.78 16.43
CA TYR A 56 7.25 14.30 16.74
C TYR A 56 7.38 13.84 18.19
N ASP A 57 6.34 14.04 18.98
CA ASP A 57 6.30 13.56 20.36
C ASP A 57 4.88 13.52 20.89
N MET A 58 4.72 13.06 22.12
CA MET A 58 3.40 12.92 22.73
C MET A 58 2.67 14.27 22.74
N ASN A 59 3.39 15.33 23.06
CA ASN A 59 2.77 16.64 23.16
C ASN A 59 2.23 17.11 21.80
N SER A 60 3.03 16.94 20.75
CA SER A 60 2.59 17.38 19.42
C SER A 60 1.50 16.46 18.89
N LEU A 61 1.50 15.21 19.33
CA LEU A 61 0.43 14.28 18.96
C LEU A 61 -0.88 14.77 19.54
N MET A 62 -0.83 15.26 20.78
CA MET A 62 -2.02 15.81 21.43
C MET A 62 -2.50 17.05 20.70
N MET A 63 -1.57 17.94 20.36
CA MET A 63 -1.92 19.18 19.68
C MET A 63 -2.51 18.89 18.31
N GLY A 64 -2.09 17.79 17.70
CA GLY A 64 -2.55 17.45 16.37
C GLY A 64 -3.98 16.93 16.33
N GLU A 65 -4.53 16.61 17.49
CA GLU A 65 -5.89 16.10 17.59
C GLU A 65 -6.87 17.03 16.86
N ASP A 66 -6.63 18.34 16.96
CA ASP A 66 -7.49 19.32 16.31
C ASP A 66 -7.17 19.41 14.83
N LYS A 67 -5.91 19.69 14.52
CA LYS A 67 -5.50 20.10 13.18
C LYS A 67 -5.82 19.03 12.13
N ILE A 68 -5.48 17.78 12.46
CA ILE A 68 -5.62 16.71 11.49
C ILE A 68 -7.04 16.14 11.44
N LYS A 69 -7.57 16.00 10.23
CA LYS A 69 -8.91 15.46 10.03
C LYS A 69 -8.83 14.02 9.54
N PHE A 70 -9.72 13.18 10.07
CA PHE A 70 -9.87 11.83 9.54
C PHE A 70 -11.23 11.65 8.88
N LYS A 71 -11.27 10.91 7.79
CA LYS A 71 -12.51 10.71 7.03
C LYS A 71 -13.55 9.97 7.86
N HIS A 72 -13.11 9.00 8.64
CA HIS A 72 -14.01 8.25 9.51
C HIS A 72 -14.31 9.06 10.77
N ILE A 73 -15.56 8.97 11.23
CA ILE A 73 -16.00 9.70 12.40
C ILE A 73 -15.92 8.83 13.65
N THR A 74 -15.33 9.37 14.71
CA THR A 74 -15.15 8.61 15.94
C THR A 74 -15.51 9.40 17.19
N PRO A 75 -16.82 9.61 17.42
CA PRO A 75 -17.31 10.33 18.60
C PRO A 75 -16.85 9.70 19.91
N LYS A 81 -7.75 4.89 26.01
CA LYS A 81 -6.71 4.12 25.31
C LYS A 81 -5.41 4.90 25.28
N GLU A 82 -4.30 4.20 25.51
CA GLU A 82 -3.00 4.85 25.51
C GLU A 82 -2.57 5.18 24.08
N VAL A 83 -1.60 6.09 23.98
CA VAL A 83 -1.19 6.63 22.69
C VAL A 83 -0.81 5.55 21.70
N ALA A 84 0.02 4.61 22.14
CA ALA A 84 0.52 3.56 21.25
C ALA A 84 -0.65 2.83 20.59
N ILE A 85 -1.73 2.65 21.34
CA ILE A 85 -2.91 1.95 20.83
C ILE A 85 -3.68 2.82 19.84
N ARG A 86 -3.80 4.10 20.15
CA ARG A 86 -4.52 5.01 19.27
C ARG A 86 -3.83 5.08 17.91
N ILE A 87 -2.50 5.13 17.93
CA ILE A 87 -1.73 5.18 16.68
C ILE A 87 -1.92 3.90 15.88
N PHE A 88 -1.82 2.76 16.57
CA PHE A 88 -2.00 1.46 15.92
C PHE A 88 -3.39 1.36 15.28
N GLN A 89 -4.42 1.74 16.02
CA GLN A 89 -5.78 1.74 15.51
C GLN A 89 -5.90 2.72 14.34
N GLY A 90 -5.13 3.80 14.40
CA GLY A 90 -5.12 4.76 13.32
C GLY A 90 -4.61 4.15 12.04
N CYS A 91 -3.55 3.35 12.15
CA CYS A 91 -2.98 2.68 10.99
C CYS A 91 -3.98 1.65 10.46
N GLN A 92 -4.73 1.04 11.37
CA GLN A 92 -5.80 0.13 11.01
C GLN A 92 -6.80 0.79 10.07
N PHE A 93 -7.33 1.93 10.51
CA PHE A 93 -8.37 2.62 9.76
C PHE A 93 -7.84 3.15 8.43
N ARG A 94 -6.60 3.62 8.41
CA ARG A 94 -5.97 4.01 7.15
C ARG A 94 -5.89 2.79 6.24
N SER A 95 -5.54 1.64 6.80
CA SER A 95 -5.43 0.42 6.02
C SER A 95 -6.79 0.03 5.44
N VAL A 96 -7.84 0.19 6.24
CA VAL A 96 -9.20 -0.04 5.75
C VAL A 96 -9.52 0.87 4.56
N GLU A 97 -9.11 2.13 4.63
CA GLU A 97 -9.32 3.06 3.51
C GLU A 97 -8.55 2.56 2.30
N ALA A 98 -7.31 2.14 2.53
CA ALA A 98 -6.43 1.72 1.46
C ALA A 98 -6.97 0.49 0.72
N VAL A 99 -7.54 -0.45 1.47
CA VAL A 99 -8.09 -1.67 0.86
C VAL A 99 -9.19 -1.30 -0.14
N GLN A 100 -9.97 -0.28 0.20
CA GLN A 100 -11.06 0.11 -0.68
C GLN A 100 -10.54 0.81 -1.93
N GLU A 101 -9.51 1.63 -1.77
CA GLU A 101 -8.89 2.30 -2.92
C GLU A 101 -8.26 1.28 -3.85
N ILE A 102 -7.57 0.31 -3.28
CA ILE A 102 -6.89 -0.72 -4.05
C ILE A 102 -7.90 -1.61 -4.75
N THR A 103 -9.00 -1.92 -4.06
CA THR A 103 -10.05 -2.69 -4.69
C THR A 103 -10.57 -1.99 -5.94
N GLU A 104 -10.74 -0.68 -5.84
CA GLU A 104 -11.22 0.08 -6.98
C GLU A 104 -10.20 0.05 -8.12
N TYR A 105 -8.92 0.12 -7.78
CA TYR A 105 -7.87 0.04 -8.80
C TYR A 105 -7.84 -1.34 -9.46
N ALA A 106 -7.90 -2.38 -8.63
CA ALA A 106 -7.88 -3.75 -9.14
C ALA A 106 -8.99 -3.94 -10.18
N LYS A 107 -10.15 -3.37 -9.91
CA LYS A 107 -11.29 -3.52 -10.79
C LYS A 107 -11.11 -2.79 -12.13
N SER A 108 -10.12 -1.91 -12.20
CA SER A 108 -9.83 -1.21 -13.45
C SER A 108 -8.83 -1.96 -14.34
N ILE A 109 -8.21 -3.02 -13.80
CA ILE A 109 -7.22 -3.77 -14.56
C ILE A 109 -7.94 -4.67 -15.57
N PRO A 110 -7.66 -4.49 -16.87
CA PRO A 110 -8.41 -5.24 -17.88
C PRO A 110 -8.39 -6.73 -17.62
N GLY A 111 -9.59 -7.32 -17.61
CA GLY A 111 -9.72 -8.74 -17.36
C GLY A 111 -10.11 -9.10 -15.93
N PHE A 112 -9.83 -8.21 -14.97
CA PHE A 112 -9.97 -8.58 -13.57
C PHE A 112 -11.42 -8.84 -13.17
N VAL A 113 -12.33 -7.95 -13.55
CA VAL A 113 -13.72 -8.11 -13.13
C VAL A 113 -14.41 -9.31 -13.81
N ASN A 114 -13.80 -9.83 -14.87
CA ASN A 114 -14.31 -11.02 -15.54
C ASN A 114 -13.83 -12.32 -14.92
N LEU A 115 -12.83 -12.24 -14.05
CA LEU A 115 -12.38 -13.44 -13.35
C LEU A 115 -13.48 -13.98 -12.45
N ASP A 116 -13.39 -15.27 -12.12
CA ASP A 116 -14.24 -15.87 -11.10
C ASP A 116 -14.20 -14.98 -9.85
N LEU A 117 -15.36 -14.71 -9.28
CA LEU A 117 -15.47 -13.71 -8.21
C LEU A 117 -14.73 -14.14 -6.95
N ASN A 118 -14.72 -15.43 -6.67
CA ASN A 118 -14.00 -15.91 -5.50
C ASN A 118 -12.49 -15.75 -5.71
N ASP A 119 -12.05 -15.89 -6.96
CA ASP A 119 -10.65 -15.65 -7.30
C ASP A 119 -10.30 -14.17 -7.18
N GLN A 120 -11.23 -13.28 -7.54
CA GLN A 120 -11.02 -11.85 -7.29
C GLN A 120 -10.83 -11.59 -5.80
N VAL A 121 -11.66 -12.22 -4.98
CA VAL A 121 -11.55 -12.04 -3.54
C VAL A 121 -10.18 -12.52 -3.07
N THR A 122 -9.74 -13.65 -3.60
CA THR A 122 -8.47 -14.23 -3.20
C THR A 122 -7.31 -13.33 -3.59
N LEU A 123 -7.33 -12.82 -4.82
CA LEU A 123 -6.24 -11.95 -5.25
C LEU A 123 -6.15 -10.73 -4.34
N LEU A 124 -7.29 -10.17 -3.97
CA LEU A 124 -7.31 -8.99 -3.10
C LEU A 124 -6.85 -9.31 -1.69
N LYS A 125 -7.34 -10.42 -1.15
CA LYS A 125 -7.04 -10.82 0.21
C LYS A 125 -5.53 -10.96 0.44
N TYR A 126 -4.86 -11.56 -0.53
CA TYR A 126 -3.43 -11.82 -0.40
C TYR A 126 -2.58 -10.71 -1.01
N GLY A 127 -3.23 -9.85 -1.80
CA GLY A 127 -2.48 -8.80 -2.48
C GLY A 127 -2.45 -7.47 -1.74
N VAL A 128 -3.49 -7.15 -0.97
CA VAL A 128 -3.67 -5.77 -0.54
C VAL A 128 -2.56 -5.25 0.37
N HIS A 129 -2.09 -6.05 1.32
CA HIS A 129 -1.04 -5.56 2.19
C HIS A 129 0.26 -5.29 1.43
N GLU A 130 0.57 -6.11 0.44
CA GLU A 130 1.78 -5.90 -0.35
C GLU A 130 1.67 -4.58 -1.10
N ILE A 131 0.48 -4.27 -1.58
CA ILE A 131 0.24 -3.00 -2.25
C ILE A 131 0.26 -1.85 -1.23
N ILE A 132 -0.31 -2.05 -0.06
CA ILE A 132 -0.31 -1.00 0.96
C ILE A 132 1.11 -0.54 1.26
N TYR A 133 2.02 -1.48 1.45
CA TYR A 133 3.39 -1.11 1.82
C TYR A 133 4.18 -0.56 0.66
N THR A 134 3.86 -1.02 -0.55
CA THR A 134 4.44 -0.42 -1.75
C THR A 134 4.07 1.07 -1.81
N MET A 135 2.80 1.36 -1.58
CA MET A 135 2.32 2.72 -1.73
C MET A 135 2.71 3.58 -0.52
N LEU A 136 2.80 2.95 0.64
CA LEU A 136 3.22 3.64 1.85
C LEU A 136 4.61 4.24 1.64
N ALA A 137 5.48 3.51 0.94
CA ALA A 137 6.83 4.00 0.66
C ALA A 137 6.78 5.37 0.00
N SER A 138 5.83 5.57 -0.92
CA SER A 138 5.70 6.83 -1.64
C SER A 138 5.49 8.00 -0.66
N LEU A 139 4.91 7.70 0.49
CA LEU A 139 4.63 8.72 1.51
C LEU A 139 5.75 8.84 2.54
N MET A 140 6.77 7.99 2.42
CA MET A 140 7.86 7.94 3.39
C MET A 140 9.16 8.57 2.89
N ASN A 141 9.87 9.24 3.77
CA ASN A 141 11.31 9.42 3.61
C ASN A 141 12.00 8.88 4.84
N LYS A 142 13.31 9.08 4.92
CA LYS A 142 14.09 8.49 6.01
C LYS A 142 13.70 9.07 7.37
N ASP A 143 12.95 10.17 7.38
CA ASP A 143 12.66 10.87 8.63
C ASP A 143 11.23 10.69 9.14
N GLY A 144 10.33 10.18 8.30
CA GLY A 144 8.97 9.97 8.76
C GLY A 144 7.97 9.71 7.65
N VAL A 145 6.69 9.72 7.99
CA VAL A 145 5.65 9.34 7.04
C VAL A 145 4.49 10.34 7.05
N LEU A 146 3.96 10.60 5.85
CA LEU A 146 2.78 11.45 5.70
C LEU A 146 1.54 10.69 6.14
N ILE A 147 0.63 11.39 6.81
CA ILE A 147 -0.61 10.79 7.26
C ILE A 147 -1.80 11.66 6.87
N SER A 148 -2.97 11.03 6.76
CA SER A 148 -4.20 11.70 6.36
C SER A 148 -4.02 12.60 5.15
N GLU A 149 -3.65 11.98 4.03
CA GLU A 149 -3.58 12.68 2.74
C GLU A 149 -2.66 13.89 2.78
N GLY A 150 -1.62 13.83 3.61
CA GLY A 150 -0.64 14.89 3.61
C GLY A 150 -0.89 15.98 4.65
N GLN A 151 -1.98 15.87 5.39
CA GLN A 151 -2.31 16.85 6.42
C GLN A 151 -1.33 16.78 7.59
N GLY A 152 -0.73 15.62 7.79
CA GLY A 152 0.17 15.45 8.91
C GLY A 152 1.43 14.71 8.54
N PHE A 153 2.47 14.86 9.35
CA PHE A 153 3.72 14.14 9.16
C PHE A 153 4.22 13.61 10.50
N MET A 154 4.31 12.28 10.61
CA MET A 154 4.71 11.66 11.86
C MET A 154 6.13 11.14 11.69
N THR A 155 7.01 11.49 12.64
CA THR A 155 8.42 11.17 12.49
C THR A 155 8.71 9.70 12.77
N ARG A 156 9.67 9.15 12.03
CA ARG A 156 10.10 7.78 12.20
C ARG A 156 10.56 7.54 13.63
N GLU A 157 11.19 8.55 14.21
CA GLU A 157 11.76 8.43 15.55
C GLU A 157 10.67 8.32 16.62
N PHE A 158 9.61 9.11 16.47
CA PHE A 158 8.50 9.08 17.40
C PHE A 158 7.80 7.72 17.37
N LEU A 159 7.61 7.19 16.17
CA LEU A 159 6.98 5.89 16.01
C LEU A 159 7.88 4.81 16.62
N LYS A 160 9.19 5.00 16.46
CA LYS A 160 10.16 4.06 16.98
C LYS A 160 10.19 4.15 18.50
N SER A 161 9.86 5.31 19.04
CA SER A 161 9.93 5.55 20.48
C SER A 161 8.74 4.95 21.25
N LEU A 162 7.76 4.42 20.53
CA LEU A 162 6.57 3.86 21.17
C LEU A 162 6.91 2.56 21.90
N ARG A 163 6.24 2.33 23.03
CA ARG A 163 6.52 1.16 23.85
C ARG A 163 6.34 -0.13 23.08
N LYS A 164 7.08 -1.16 23.46
CA LYS A 164 6.99 -2.46 22.79
C LYS A 164 5.61 -3.06 22.99
N PRO A 165 5.13 -3.84 22.01
CA PRO A 165 5.81 -4.16 20.75
C PRO A 165 5.70 -3.04 19.71
N PHE A 166 4.99 -1.98 20.05
CA PHE A 166 4.53 -1.01 19.07
C PHE A 166 5.63 -0.15 18.47
N GLY A 167 6.76 -0.08 19.16
CA GLY A 167 7.87 0.72 18.66
C GLY A 167 8.53 0.08 17.44
N ASP A 168 8.25 -1.21 17.25
CA ASP A 168 8.84 -1.97 16.16
C ASP A 168 7.83 -2.20 15.03
N PHE A 169 6.62 -1.68 15.20
CA PHE A 169 5.52 -1.95 14.28
C PHE A 169 5.80 -1.47 12.85
N MET A 170 6.35 -0.27 12.72
CA MET A 170 6.51 0.33 11.40
C MET A 170 7.94 0.37 10.89
N GLU A 171 8.91 0.12 11.77
CA GLU A 171 10.32 0.17 11.39
C GLU A 171 10.66 -0.74 10.20
N PRO A 172 10.09 -1.96 10.15
CA PRO A 172 10.38 -2.83 9.00
C PRO A 172 9.97 -2.19 7.68
N LYS A 173 8.91 -1.38 7.73
CA LYS A 173 8.38 -0.73 6.53
C LYS A 173 9.20 0.48 6.10
N PHE A 174 9.68 1.25 7.07
CA PHE A 174 10.57 2.36 6.76
C PHE A 174 11.84 1.81 6.11
N GLU A 175 12.33 0.68 6.63
CA GLU A 175 13.55 0.10 6.09
C GLU A 175 13.34 -0.36 4.66
N PHE A 176 12.17 -0.93 4.38
CA PHE A 176 11.82 -1.30 3.01
C PHE A 176 11.70 -0.07 2.12
N ALA A 177 11.03 0.97 2.62
CA ALA A 177 10.76 2.14 1.82
C ALA A 177 12.05 2.85 1.43
N VAL A 178 12.98 2.98 2.37
CA VAL A 178 14.24 3.64 2.08
C VAL A 178 14.95 3.00 0.88
N LYS A 179 14.99 1.68 0.84
CA LYS A 179 15.67 1.00 -0.26
C LYS A 179 14.84 1.05 -1.54
N PHE A 180 13.52 0.92 -1.38
CA PHE A 180 12.61 0.92 -2.53
C PHE A 180 12.61 2.27 -3.21
N ASN A 181 12.58 3.35 -2.42
CA ASN A 181 12.56 4.70 -2.97
C ASN A 181 13.85 5.06 -3.66
N ALA A 182 14.95 4.39 -3.29
CA ALA A 182 16.22 4.62 -3.96
C ALA A 182 16.19 4.12 -5.41
N LEU A 183 15.18 3.35 -5.75
CA LEU A 183 14.98 2.91 -7.12
C LEU A 183 14.35 4.02 -7.98
N GLU A 184 13.75 5.00 -7.31
CA GLU A 184 13.25 6.20 -7.98
C GLU A 184 12.12 5.93 -8.99
N LEU A 185 11.24 4.99 -8.68
CA LEU A 185 10.07 4.76 -9.53
C LEU A 185 9.16 5.98 -9.49
N ASP A 186 8.43 6.22 -10.58
CA ASP A 186 7.39 7.24 -10.55
C ASP A 186 6.02 6.61 -10.58
N ASP A 187 4.97 7.43 -10.57
CA ASP A 187 3.62 6.91 -10.46
C ASP A 187 3.28 6.03 -11.66
N SER A 188 3.85 6.35 -12.82
CA SER A 188 3.61 5.55 -14.02
C SER A 188 4.21 4.16 -13.87
N ASP A 189 5.43 4.08 -13.32
CA ASP A 189 6.04 2.79 -13.04
C ASP A 189 5.18 2.04 -12.04
N LEU A 190 4.81 2.74 -10.96
CA LEU A 190 4.12 2.10 -9.85
C LEU A 190 2.77 1.49 -10.23
N ALA A 191 2.04 2.16 -11.11
CA ALA A 191 0.73 1.66 -11.50
C ALA A 191 0.84 0.24 -12.07
N ILE A 192 1.84 0.01 -12.92
CA ILE A 192 2.02 -1.29 -13.55
C ILE A 192 2.57 -2.28 -12.53
N PHE A 193 3.51 -1.82 -11.71
CA PHE A 193 4.12 -2.66 -10.67
C PHE A 193 3.04 -3.23 -9.75
N ILE A 194 2.11 -2.37 -9.33
CA ILE A 194 1.00 -2.78 -8.49
C ILE A 194 0.08 -3.78 -9.19
N ALA A 195 -0.19 -3.51 -10.47
CA ALA A 195 -1.06 -4.38 -11.24
C ALA A 195 -0.49 -5.80 -11.31
N VAL A 196 0.79 -5.92 -11.65
CA VAL A 196 1.45 -7.22 -11.68
C VAL A 196 1.29 -7.99 -10.37
N ILE A 197 1.50 -7.31 -9.24
CA ILE A 197 1.38 -7.95 -7.94
C ILE A 197 -0.03 -8.49 -7.65
N ILE A 198 -1.04 -7.68 -7.96
CA ILE A 198 -2.40 -8.09 -7.69
C ILE A 198 -2.75 -9.32 -8.50
N LEU A 199 -2.26 -9.37 -9.74
CA LEU A 199 -2.55 -10.49 -10.64
C LEU A 199 -1.53 -11.61 -10.48
N SER A 200 -1.29 -12.02 -9.24
CA SER A 200 -0.37 -13.12 -8.96
C SER A 200 -1.09 -14.46 -9.00
N GLY A 201 -0.66 -15.34 -9.91
CA GLY A 201 -1.35 -16.60 -10.09
C GLY A 201 -1.03 -17.64 -9.04
N ASP A 202 -0.20 -17.30 -8.07
CA ASP A 202 0.24 -18.26 -7.07
C ASP A 202 -0.34 -18.02 -5.67
N ARG A 203 -1.35 -17.16 -5.59
CA ARG A 203 -2.03 -16.94 -4.31
C ARG A 203 -2.73 -18.21 -3.86
N PRO A 204 -2.73 -18.48 -2.55
CA PRO A 204 -3.35 -19.70 -2.05
C PRO A 204 -4.83 -19.77 -2.41
N GLY A 205 -5.26 -20.90 -2.95
CA GLY A 205 -6.68 -21.16 -3.07
C GLY A 205 -7.34 -20.61 -4.32
N LEU A 206 -6.53 -20.11 -5.26
CA LEU A 206 -7.06 -19.72 -6.55
C LEU A 206 -7.63 -20.95 -7.27
N LEU A 207 -8.74 -20.75 -7.96
CA LEU A 207 -9.45 -21.84 -8.62
C LEU A 207 -9.05 -21.94 -10.09
N ASN A 208 -8.94 -20.80 -10.74
CA ASN A 208 -8.66 -20.76 -12.18
C ASN A 208 -7.40 -19.96 -12.44
N VAL A 209 -6.26 -20.66 -12.45
CA VAL A 209 -4.98 -20.00 -12.44
C VAL A 209 -4.59 -19.40 -13.80
N LYS A 210 -4.89 -20.11 -14.87
CA LYS A 210 -4.39 -19.72 -16.18
C LYS A 210 -4.81 -18.32 -16.61
N PRO A 211 -6.11 -17.97 -16.47
CA PRO A 211 -6.52 -16.63 -16.88
C PRO A 211 -5.81 -15.50 -16.12
N ILE A 212 -5.48 -15.77 -14.86
CA ILE A 212 -4.72 -14.82 -14.07
C ILE A 212 -3.28 -14.73 -14.56
N GLU A 213 -2.65 -15.89 -14.81
CA GLU A 213 -1.30 -15.93 -15.32
C GLU A 213 -1.18 -15.22 -16.68
N ASP A 214 -2.18 -15.41 -17.53
CA ASP A 214 -2.16 -14.78 -18.87
C ASP A 214 -2.23 -13.25 -18.73
N ILE A 215 -3.06 -12.79 -17.81
CA ILE A 215 -3.20 -11.36 -17.57
C ILE A 215 -1.89 -10.82 -17.02
N GLN A 216 -1.30 -11.53 -16.06
CA GLN A 216 -0.07 -11.05 -15.45
C GLN A 216 1.09 -11.05 -16.45
N ASP A 217 1.10 -12.04 -17.35
CA ASP A 217 2.17 -12.12 -18.35
C ASP A 217 2.17 -10.88 -19.22
N ASN A 218 0.99 -10.40 -19.58
CA ASN A 218 0.86 -9.20 -20.39
C ASN A 218 1.25 -7.95 -19.59
N LEU A 219 0.85 -7.91 -18.32
CA LEU A 219 1.24 -6.81 -17.46
C LEU A 219 2.75 -6.78 -17.26
N LEU A 220 3.37 -7.95 -17.16
CA LEU A 220 4.82 -8.01 -17.01
C LEU A 220 5.52 -7.48 -18.25
N GLN A 221 4.98 -7.79 -19.43
CA GLN A 221 5.55 -7.24 -20.65
C GLN A 221 5.42 -5.72 -20.64
N ALA A 222 4.27 -5.24 -20.18
CA ALA A 222 4.04 -3.80 -20.10
C ALA A 222 5.03 -3.15 -19.15
N LEU A 223 5.31 -3.82 -18.03
CA LEU A 223 6.24 -3.29 -17.04
C LEU A 223 7.65 -3.27 -17.60
N GLU A 224 8.04 -4.33 -18.28
CA GLU A 224 9.40 -4.39 -18.81
C GLU A 224 9.63 -3.25 -19.79
N LEU A 225 8.65 -3.00 -20.66
CA LEU A 225 8.78 -1.95 -21.66
C LEU A 225 8.74 -0.57 -21.02
N GLN A 226 7.88 -0.40 -20.02
CA GLN A 226 7.82 0.84 -19.25
C GLN A 226 9.18 1.18 -18.64
N LEU A 227 9.82 0.20 -18.02
CA LEU A 227 11.10 0.45 -17.36
C LEU A 227 12.24 0.68 -18.37
N LYS A 228 12.18 0.02 -19.52
CA LYS A 228 13.19 0.21 -20.56
C LYS A 228 13.14 1.63 -21.11
N LEU A 229 11.93 2.16 -21.26
CA LEU A 229 11.75 3.50 -21.80
C LEU A 229 11.91 4.60 -20.76
N ASN A 230 11.43 4.35 -19.54
CA ASN A 230 11.38 5.39 -18.51
C ASN A 230 12.68 5.45 -17.71
N HIS A 231 13.42 4.34 -17.68
CA HIS A 231 14.69 4.28 -16.97
C HIS A 231 15.76 3.67 -17.87
N PRO A 232 16.09 4.38 -18.97
CA PRO A 232 16.96 3.83 -20.03
C PRO A 232 18.31 3.37 -19.50
N GLU A 233 18.79 4.02 -18.45
CA GLU A 233 20.15 3.81 -17.97
C GLU A 233 20.23 2.78 -16.84
N SER A 234 19.11 2.18 -16.47
CA SER A 234 19.08 1.19 -15.41
C SER A 234 18.53 -0.15 -15.89
N SER A 235 19.38 -0.91 -16.58
CA SER A 235 19.00 -2.18 -17.18
C SER A 235 18.46 -3.17 -16.14
N GLN A 236 18.95 -3.03 -14.90
CA GLN A 236 18.69 -4.01 -13.86
C GLN A 236 17.36 -3.79 -13.15
N LEU A 237 16.69 -2.69 -13.45
CA LEU A 237 15.52 -2.30 -12.66
C LEU A 237 14.40 -3.35 -12.69
N PHE A 238 14.14 -3.95 -13.84
CA PHE A 238 13.05 -4.93 -13.92
C PHE A 238 13.34 -6.12 -13.02
N ALA A 239 14.54 -6.68 -13.14
CA ALA A 239 14.91 -7.83 -12.32
C ALA A 239 14.84 -7.48 -10.83
N LYS A 240 15.22 -6.24 -10.49
CA LYS A 240 15.16 -5.83 -9.09
C LYS A 240 13.73 -5.70 -8.59
N LEU A 241 12.84 -5.21 -9.44
CA LEU A 241 11.44 -5.07 -9.03
C LEU A 241 10.77 -6.42 -8.83
N LEU A 242 11.14 -7.40 -9.63
CA LEU A 242 10.61 -8.74 -9.43
C LEU A 242 11.04 -9.27 -8.06
N GLN A 243 12.26 -8.93 -7.64
CA GLN A 243 12.74 -9.34 -6.31
C GLN A 243 12.00 -8.58 -5.21
N LYS A 244 11.71 -7.29 -5.44
CA LYS A 244 10.98 -6.50 -4.45
C LYS A 244 9.59 -7.08 -4.22
N MET A 245 9.00 -7.68 -5.25
CA MET A 245 7.71 -8.35 -5.10
C MET A 245 7.85 -9.50 -4.10
N THR A 246 8.90 -10.30 -4.26
CA THR A 246 9.15 -11.39 -3.33
C THR A 246 9.41 -10.83 -1.93
N ASP A 247 10.19 -9.75 -1.87
CA ASP A 247 10.51 -9.11 -0.60
C ASP A 247 9.25 -8.65 0.12
N LEU A 248 8.32 -8.07 -0.65
CA LEU A 248 7.11 -7.52 -0.06
C LEU A 248 6.33 -8.59 0.69
N ARG A 249 6.38 -9.82 0.17
CA ARG A 249 5.70 -10.93 0.83
C ARG A 249 6.33 -11.20 2.19
N GLN A 250 7.64 -10.99 2.29
CA GLN A 250 8.35 -11.17 3.54
C GLN A 250 7.99 -10.07 4.53
N ILE A 251 7.89 -8.84 4.05
CA ILE A 251 7.44 -7.74 4.89
C ILE A 251 6.06 -8.05 5.45
N VAL A 252 5.17 -8.60 4.63
CA VAL A 252 3.82 -8.90 5.08
C VAL A 252 3.82 -10.02 6.10
N THR A 253 4.72 -11.00 5.92
CA THR A 253 4.86 -12.08 6.89
C THR A 253 5.30 -11.57 8.25
N GLU A 254 6.30 -10.69 8.27
CA GLU A 254 6.77 -10.11 9.51
C GLU A 254 5.65 -9.32 10.20
N HIS A 255 4.88 -8.60 9.39
CA HIS A 255 3.78 -7.79 9.90
C HIS A 255 2.72 -8.66 10.57
N VAL A 256 2.35 -9.76 9.90
CA VAL A 256 1.31 -10.63 10.41
C VAL A 256 1.70 -11.26 11.74
N GLN A 257 2.99 -11.52 11.90
CA GLN A 257 3.48 -12.17 13.10
C GLN A 257 3.56 -11.20 14.28
N LEU A 258 3.93 -9.95 13.98
CA LEU A 258 3.89 -8.89 14.97
C LEU A 258 2.44 -8.65 15.37
N LEU A 259 1.52 -8.88 14.43
CA LEU A 259 0.10 -8.66 14.66
C LEU A 259 -0.43 -9.66 15.68
N GLN A 260 0.08 -10.88 15.62
CA GLN A 260 -0.31 -11.90 16.58
C GLN A 260 0.27 -11.60 17.95
N VAL A 261 1.54 -11.18 17.96
CA VAL A 261 2.19 -10.78 19.21
C VAL A 261 1.39 -9.69 19.91
N ILE A 262 1.05 -8.63 19.17
CA ILE A 262 0.25 -7.54 19.71
C ILE A 262 -1.11 -8.04 20.20
N LYS A 263 -1.77 -8.82 19.37
CA LYS A 263 -3.09 -9.36 19.67
C LYS A 263 -3.09 -10.21 20.94
N LYS A 264 -1.90 -10.44 21.51
CA LYS A 264 -1.79 -11.22 22.73
C LYS A 264 -1.01 -10.48 23.82
N THR A 265 0.10 -9.85 23.43
CA THR A 265 0.91 -9.09 24.38
C THR A 265 0.08 -8.00 25.04
N GLU A 266 -1.08 -7.71 24.45
CA GLU A 266 -1.97 -6.65 24.94
C GLU A 266 -3.33 -7.22 25.32
N THR A 267 -4.00 -6.58 26.27
CA THR A 267 -5.40 -6.90 26.52
C THR A 267 -6.26 -6.32 25.41
N ASP A 268 -7.17 -7.15 24.91
CA ASP A 268 -7.67 -7.01 23.54
C ASP A 268 -8.30 -5.68 23.20
N MET A 269 -7.84 -5.12 22.08
CA MET A 269 -8.49 -3.98 21.44
C MET A 269 -9.38 -4.52 20.32
N SER A 270 -10.12 -3.63 19.67
CA SER A 270 -11.02 -4.02 18.60
C SER A 270 -10.32 -4.00 17.25
N LEU A 271 -10.43 -5.10 16.50
CA LEU A 271 -9.89 -5.16 15.16
C LEU A 271 -10.99 -4.97 14.11
N HIS A 272 -10.72 -4.13 13.13
CA HIS A 272 -11.72 -3.83 12.11
C HIS A 272 -12.07 -5.12 11.35
N PRO A 273 -13.37 -5.37 11.14
CA PRO A 273 -13.79 -6.62 10.51
C PRO A 273 -13.24 -6.86 9.11
N LEU A 274 -13.04 -5.79 8.35
CA LEU A 274 -12.43 -5.95 7.02
C LEU A 274 -11.03 -6.51 7.15
N LEU A 275 -10.29 -6.03 8.15
CA LEU A 275 -8.94 -6.54 8.38
C LEU A 275 -8.98 -7.94 8.98
N GLN A 276 -9.96 -8.20 9.84
CA GLN A 276 -10.13 -9.54 10.38
C GLN A 276 -10.32 -10.55 9.25
N GLU A 277 -11.11 -10.17 8.25
CA GLU A 277 -11.39 -11.07 7.14
C GLU A 277 -10.13 -11.33 6.31
N ILE A 278 -9.37 -10.29 6.05
CA ILE A 278 -8.14 -10.42 5.28
C ILE A 278 -7.08 -11.22 6.01
N TYR A 279 -6.98 -11.04 7.34
CA TYR A 279 -5.95 -11.70 8.14
C TYR A 279 -6.11 -13.21 8.20
N LYS A 280 -7.35 -13.68 8.12
CA LYS A 280 -7.63 -15.10 8.29
C LYS A 280 -6.86 -15.92 7.25
N ASP A 281 -5.97 -16.77 7.75
CA ASP A 281 -5.13 -17.61 6.89
C ASP A 281 -4.06 -16.82 6.15
N LEU A 282 -3.83 -15.57 6.59
CA LEU A 282 -2.81 -14.74 5.98
C LEU A 282 -1.46 -14.91 6.68
N TYR A 283 -0.42 -15.22 5.91
CA TYR A 283 0.92 -15.34 6.46
C TYR A 283 1.93 -14.53 5.65
N SER B 7 -18.83 -12.19 1.79
CA SER B 7 -17.72 -11.54 2.54
C SER B 7 -17.68 -10.05 2.25
N LEU B 8 -16.95 -9.32 3.09
CA LEU B 8 -16.83 -7.88 2.93
C LEU B 8 -16.08 -7.55 1.64
N LEU B 9 -15.01 -8.28 1.38
CA LEU B 9 -14.23 -8.06 0.15
C LEU B 9 -15.09 -8.31 -1.09
N LYS B 10 -15.93 -9.34 -1.04
CA LYS B 10 -16.82 -9.61 -2.17
C LYS B 10 -17.79 -8.44 -2.40
N LYS B 11 -18.34 -7.90 -1.32
CA LYS B 11 -19.24 -6.76 -1.44
C LYS B 11 -18.56 -5.53 -2.05
N LEU B 12 -17.30 -5.29 -1.67
CA LEU B 12 -16.56 -4.17 -2.23
C LEU B 12 -16.31 -4.38 -3.73
N LEU B 13 -16.09 -5.63 -4.11
CA LEU B 13 -15.81 -5.96 -5.51
C LEU B 13 -17.05 -5.81 -6.38
N LEU B 14 -18.22 -6.00 -5.79
CA LEU B 14 -19.48 -6.04 -6.54
C LEU B 14 -20.10 -4.66 -6.73
N ALA B 15 -19.73 -3.72 -5.88
CA ALA B 15 -20.32 -2.40 -5.92
C ALA B 15 -19.67 -1.55 -7.02
N PRO B 16 -20.48 -1.06 -7.97
CA PRO B 16 -20.01 -0.05 -8.93
C PRO B 16 -19.71 1.28 -8.24
C1 B0X C . 0.62 3.33 8.10
C2 B0X C . 1.16 2.12 8.55
C3 B0X C . 0.51 0.93 8.28
C4 B0X C . -0.68 0.92 7.58
C5 B0X C . -1.22 2.12 7.12
C6 B0X C . -0.57 3.32 7.39
C7 B0X C . -1.99 6.84 10.30
C8 B0X C . -0.84 6.77 11.16
N9 B0X C . 0.21 6.31 10.39
C10 B0X C . -0.29 6.13 9.16
N11 B0X C . -1.58 6.44 9.05
C12 B0X C . -2.18 7.55 12.99
C13 B0X C . -0.96 7.13 12.49
C14 B0X C . -3.20 7.27 10.79
C15 B0X C . -3.31 7.63 12.15
C16 B0X C . -2.50 11.56 14.22
C17 B0X C . -3.48 11.74 15.19
N18 B0X C . -4.05 10.72 15.85
C19 B0X C . -3.65 9.48 15.54
C20 B0X C . -2.67 9.22 14.60
C21 B0X C . -2.08 10.28 13.92
O22 B0X C . -2.29 7.91 14.33
C23 B0X C . 1.57 6.10 10.90
C24 B0X C . 0.54 5.63 7.99
O25 B0X C . 1.31 4.51 8.39
C26 B0X C . 1.08 -0.33 8.75
O27 B0X C . 0.47 -1.35 8.67
O28 B0X C . 2.32 -0.24 9.27
C29 B0X C . -3.93 13.13 15.53
C30 B0X C . -4.28 8.34 16.28
#